data_9EUL
#
_entry.id   9EUL
#
_entity_poly.entity_id   1
_entity_poly.type   'polypeptide(L)'
_entity_poly.pdbx_seq_one_letter_code
;GSDDLNVKGLVLATVSKINYKYQSVEVKVNNLTLGSRIGDDGSLAVPYPKSFIGRTPEGSVFGTKPLITEGSVVLIGFLN
DDINSPIILSVYGDNEQNKMINTNPLDGGKFDTESVYKYSSSLYEILPSLNYKYDDGEGTSIRTYNGKSFFSMTSGEEEK
PQATDFYTGTEYQDLFTSYYGNKTLIEPRIQKAPNMLFKHQGVFYDDGTPDNHITTLFISERGDIRASVLNTETQKRTTQ
EMSSDGSYRVIKQDDDLMLDEAQVWIEYGISEDNKFYIKNDKHKFEFTDEGIYIDDKPMLENLDESIAEAMKNLNEIQKE
LDDINYLLKGVGKDNLEELIESTKESIEASKKATSDVNRLTTQIAEVSGRTEGIITQFQKFRDETFKDFYEDASTVINEV
NQNFPTMKTDVKTLKTKVDNLEKTEIPNIKTRLTELENNNNNADKIISDRGEHIGAMIQLEENVTVPMRKYMPIPWSKVT
YNNAEFWDSNNPTRLVVPKGITKVRVAGNVLWDSNATGQRMLRILKNGTYSIGLPYTRDVAISTAPQNGTSGVIPVKEGD
YFEFEAFQDSEGDRQFRADPYTWFSIEAIELETETMEKDFMLIGHRGATGYTDEHTIKGYQMALDKGADYIELDLQLTKD
NKLLCMHDSTIDRTTTGTGKVGDMTLSYIQTNFTSLNGEPIPSLDDVLNHFGTKVKYYIETKRPFDANMDRELLTQLKAK
GLIGIGSERFQVIIQSFARESLINIHNQFSNIPLAYLTSTFSESEMDDCLSYGFYAIAPKYTTITKELVDLAHSKGLKVH
AWTVNTKEEMQSLIQMGVDGFFTNYLDEYKKI
;
_entity_poly.pdbx_strand_id   A
#
# COMPACT_ATOMS: atom_id res chain seq x y z
N GLY A 451 -19.69 -15.86 10.16
CA GLY A 451 -18.36 -16.30 10.69
C GLY A 451 -18.34 -16.32 12.21
N GLU A 452 -17.13 -16.26 12.78
CA GLU A 452 -16.94 -16.27 14.22
C GLU A 452 -16.09 -15.07 14.62
N HIS A 453 -16.39 -14.52 15.79
CA HIS A 453 -15.70 -13.33 16.25
C HIS A 453 -14.24 -13.65 16.59
N ILE A 454 -13.35 -12.74 16.22
CA ILE A 454 -11.92 -12.84 16.52
C ILE A 454 -11.53 -11.60 17.31
N GLY A 455 -11.05 -11.82 18.52
CA GLY A 455 -10.67 -10.71 19.38
C GLY A 455 -10.42 -11.20 20.80
N ALA A 456 -10.21 -10.25 21.69
CA ALA A 456 -9.96 -10.55 23.08
C ALA A 456 -10.35 -9.37 23.96
N MET A 457 -10.62 -9.67 25.23
CA MET A 457 -10.93 -8.65 26.22
C MET A 457 -10.29 -9.07 27.54
N ILE A 458 -9.68 -8.11 28.24
CA ILE A 458 -9.00 -8.37 29.49
C ILE A 458 -9.49 -7.38 30.52
N GLN A 459 -9.37 -7.76 31.79
CA GLN A 459 -9.83 -6.94 32.90
C GLN A 459 -8.95 -7.20 34.11
N LEU A 460 -8.99 -6.28 35.07
CA LEU A 460 -8.22 -6.39 36.29
C LEU A 460 -8.95 -7.24 37.31
N GLU A 461 -8.17 -7.90 38.18
CA GLU A 461 -8.71 -8.64 39.30
C GLU A 461 -8.44 -7.97 40.64
N GLU A 462 -7.43 -7.11 40.73
CA GLU A 462 -7.16 -6.33 41.92
C GLU A 462 -6.86 -4.89 41.50
N ASN A 463 -7.24 -3.95 42.36
CA ASN A 463 -7.10 -2.53 42.03
C ASN A 463 -5.64 -2.17 41.88
N VAL A 464 -5.34 -1.36 40.86
CA VAL A 464 -3.99 -0.89 40.62
C VAL A 464 -3.87 0.54 41.13
N THR A 465 -2.72 0.86 41.71
CA THR A 465 -2.45 2.19 42.28
C THR A 465 -1.66 3.01 41.28
N VAL A 466 -2.17 4.19 40.95
CA VAL A 466 -1.58 5.08 39.96
C VAL A 466 -0.94 6.26 40.70
N PRO A 467 0.37 6.39 40.71
CA PRO A 467 0.99 7.56 41.36
C PRO A 467 0.57 8.86 40.67
N MET A 468 0.55 9.94 41.45
CA MET A 468 0.12 11.22 40.94
C MET A 468 1.04 11.71 39.83
N ARG A 469 0.42 12.22 38.76
CA ARG A 469 1.13 12.86 37.65
C ARG A 469 2.23 11.98 37.07
N LYS A 470 1.95 10.70 36.89
CA LYS A 470 2.88 9.78 36.22
C LYS A 470 2.09 8.91 35.25
N TYR A 471 2.62 8.76 34.04
CA TYR A 471 2.02 7.87 33.05
C TYR A 471 2.38 6.43 33.38
N MET A 472 1.39 5.54 33.32
CA MET A 472 1.59 4.16 33.73
C MET A 472 0.75 3.22 32.86
N PRO A 473 1.37 2.34 32.08
CA PRO A 473 0.60 1.25 31.46
C PRO A 473 -0.04 0.37 32.51
N ILE A 474 -1.25 -0.08 32.21
CA ILE A 474 -2.02 -0.85 33.19
C ILE A 474 -1.63 -2.32 33.10
N PRO A 475 -1.15 -2.93 34.19
CA PRO A 475 -0.85 -4.37 34.14
C PRO A 475 -2.08 -5.24 34.32
N TRP A 476 -2.81 -5.47 33.22
CA TRP A 476 -4.03 -6.27 33.29
C TRP A 476 -3.71 -7.69 33.75
N SER A 477 -4.62 -8.24 34.57
CA SER A 477 -4.34 -9.48 35.27
C SER A 477 -5.10 -10.71 34.76
N LYS A 478 -6.34 -10.57 34.29
CA LYS A 478 -7.11 -11.72 33.86
C LYS A 478 -7.80 -11.40 32.54
N VAL A 479 -8.27 -12.46 31.88
CA VAL A 479 -8.84 -12.38 30.55
C VAL A 479 -10.32 -12.71 30.62
N THR A 480 -11.16 -11.82 30.12
CA THR A 480 -12.58 -12.12 29.98
C THR A 480 -12.80 -13.11 28.84
N TYR A 481 -12.13 -12.90 27.71
CA TYR A 481 -12.15 -13.85 26.61
C TYR A 481 -11.00 -13.52 25.67
N ASN A 482 -10.49 -14.55 24.99
CA ASN A 482 -9.36 -14.38 24.08
C ASN A 482 -9.45 -15.51 23.04
N ASN A 483 -9.71 -15.13 21.79
CA ASN A 483 -9.88 -16.15 20.75
C ASN A 483 -8.59 -16.90 20.48
N ALA A 484 -7.49 -16.19 20.24
CA ALA A 484 -6.23 -16.84 19.89
C ALA A 484 -5.06 -15.93 20.23
N GLU A 485 -4.40 -16.19 21.36
CA GLU A 485 -3.10 -15.62 21.70
C GLU A 485 -3.06 -14.10 21.56
N PHE A 486 -4.10 -13.41 22.02
CA PHE A 486 -4.08 -11.95 22.04
C PHE A 486 -3.42 -11.37 23.29
N TRP A 487 -3.08 -12.20 24.26
CA TRP A 487 -2.52 -11.72 25.52
C TRP A 487 -1.50 -12.72 26.03
N ASP A 488 -0.55 -12.22 26.82
CA ASP A 488 0.50 -13.06 27.38
C ASP A 488 0.64 -12.74 28.87
N SER A 489 0.75 -13.78 29.69
CA SER A 489 0.85 -13.59 31.13
C SER A 489 2.10 -12.82 31.53
N ASN A 490 3.25 -13.15 30.93
CA ASN A 490 4.50 -12.48 31.25
C ASN A 490 4.57 -11.05 30.73
N ASN A 491 3.63 -10.65 29.86
CA ASN A 491 3.54 -9.28 29.36
C ASN A 491 2.11 -8.78 29.53
N PRO A 492 1.67 -8.61 30.79
CA PRO A 492 0.26 -8.25 31.01
C PRO A 492 -0.14 -6.92 30.40
N THR A 493 0.77 -5.95 30.31
CA THR A 493 0.40 -4.61 29.86
C THR A 493 0.11 -4.54 28.36
N ARG A 494 0.40 -5.59 27.61
CA ARG A 494 0.37 -5.56 26.16
C ARG A 494 -0.71 -6.48 25.61
N LEU A 495 -1.52 -5.95 24.69
CA LEU A 495 -2.36 -6.80 23.85
C LEU A 495 -1.66 -7.00 22.51
N VAL A 496 -1.36 -8.26 22.19
CA VAL A 496 -0.50 -8.61 21.07
C VAL A 496 -1.37 -9.07 19.90
N VAL A 497 -1.02 -8.62 18.70
CA VAL A 497 -1.74 -8.98 17.48
C VAL A 497 -1.12 -10.27 16.94
N PRO A 498 -1.89 -11.35 16.79
CA PRO A 498 -1.33 -12.58 16.21
C PRO A 498 -0.98 -12.42 14.74
N LYS A 499 -0.53 -13.51 14.12
CA LYS A 499 0.00 -13.45 12.76
C LYS A 499 -1.09 -13.10 11.74
N GLY A 500 -2.22 -13.82 11.80
CA GLY A 500 -3.22 -13.72 10.75
C GLY A 500 -4.19 -12.57 10.87
N ILE A 501 -3.69 -11.35 11.11
CA ILE A 501 -4.52 -10.17 11.24
C ILE A 501 -3.87 -9.01 10.51
N THR A 502 -4.68 -8.18 9.85
CA THR A 502 -4.21 -7.01 9.14
C THR A 502 -4.70 -5.70 9.73
N LYS A 503 -5.98 -5.62 10.12
CA LYS A 503 -6.54 -4.43 10.73
C LYS A 503 -7.29 -4.82 12.00
N VAL A 504 -7.24 -3.94 13.00
CA VAL A 504 -7.85 -4.21 14.30
C VAL A 504 -8.54 -2.95 14.80
N ARG A 505 -9.43 -3.15 15.76
CA ARG A 505 -10.09 -2.07 16.49
C ARG A 505 -9.87 -2.28 17.98
N VAL A 506 -9.48 -1.23 18.68
CA VAL A 506 -9.13 -1.30 20.09
C VAL A 506 -9.97 -0.29 20.86
N ALA A 507 -10.45 -0.71 22.03
CA ALA A 507 -11.29 0.14 22.88
C ALA A 507 -11.12 -0.29 24.33
N GLY A 508 -11.55 0.58 25.23
CA GLY A 508 -11.44 0.29 26.65
C GLY A 508 -12.26 1.26 27.47
N ASN A 509 -12.33 0.97 28.77
CA ASN A 509 -13.07 1.79 29.71
C ASN A 509 -12.33 1.76 31.04
N VAL A 510 -12.58 2.78 31.85
CA VAL A 510 -11.86 2.98 33.12
C VAL A 510 -12.85 3.38 34.20
N LEU A 511 -12.51 3.02 35.44
CA LEU A 511 -13.27 3.42 36.61
C LEU A 511 -12.31 3.73 37.75
N TRP A 512 -12.35 4.97 38.24
CA TRP A 512 -11.49 5.41 39.33
C TRP A 512 -12.25 5.44 40.64
N ASP A 513 -11.50 5.61 41.72
CA ASP A 513 -12.11 5.79 43.03
C ASP A 513 -12.72 7.19 43.14
N SER A 514 -13.68 7.33 44.05
CA SER A 514 -14.40 8.58 44.20
C SER A 514 -13.44 9.71 44.59
N ASN A 515 -13.28 10.67 43.69
CA ASN A 515 -12.45 11.85 43.96
C ASN A 515 -12.79 12.92 42.94
N ALA A 516 -13.12 14.12 43.41
CA ALA A 516 -13.57 15.21 42.55
C ALA A 516 -12.50 16.27 42.35
N THR A 517 -11.24 15.87 42.25
CA THR A 517 -10.13 16.78 42.07
C THR A 517 -9.23 16.30 40.93
N GLY A 518 -8.72 17.25 40.15
CA GLY A 518 -7.81 16.92 39.09
C GLY A 518 -8.50 16.35 37.85
N GLN A 519 -7.68 15.90 36.91
CA GLN A 519 -8.14 15.34 35.66
C GLN A 519 -7.77 13.87 35.57
N ARG A 520 -8.48 13.16 34.69
CA ARG A 520 -8.21 11.76 34.40
C ARG A 520 -7.99 11.59 32.90
N MET A 521 -7.14 10.64 32.54
CA MET A 521 -6.75 10.44 31.15
C MET A 521 -6.98 9.00 30.74
N LEU A 522 -7.49 8.83 29.52
CA LEU A 522 -7.57 7.53 28.86
C LEU A 522 -6.80 7.62 27.55
N ARG A 523 -5.84 6.71 27.38
CA ARG A 523 -4.95 6.76 26.23
C ARG A 523 -4.51 5.34 25.88
N ILE A 524 -4.35 5.11 24.58
CA ILE A 524 -3.89 3.82 24.06
C ILE A 524 -2.67 4.08 23.18
N LEU A 525 -1.61 3.32 23.39
CA LEU A 525 -0.36 3.45 22.66
C LEU A 525 -0.11 2.21 21.82
N LYS A 526 0.51 2.41 20.66
CA LYS A 526 0.89 1.32 19.78
C LYS A 526 2.41 1.20 19.76
N ASN A 527 2.91 0.01 20.07
CA ASN A 527 4.35 -0.25 20.11
C ASN A 527 5.06 0.74 21.04
N GLY A 528 4.37 1.13 22.10
CA GLY A 528 4.95 2.04 23.08
C GLY A 528 5.05 3.49 22.65
N THR A 529 4.42 3.87 21.54
CA THR A 529 4.48 5.23 21.05
C THR A 529 3.14 5.60 20.43
N TYR A 530 3.01 6.88 20.06
CA TYR A 530 1.77 7.38 19.49
C TYR A 530 1.53 6.77 18.12
N SER A 531 0.26 6.64 17.75
CA SER A 531 -0.10 6.10 16.45
C SER A 531 -1.43 6.70 16.01
N ILE A 532 -1.66 6.66 14.70
CA ILE A 532 -2.87 7.25 14.14
C ILE A 532 -4.07 6.36 14.45
N GLY A 533 -5.23 6.99 14.68
CA GLY A 533 -6.47 6.29 14.87
C GLY A 533 -6.74 5.79 16.27
N LEU A 534 -5.88 6.10 17.24
CA LEU A 534 -6.07 5.63 18.60
C LEU A 534 -6.81 6.67 19.44
N PRO A 535 -7.54 6.24 20.46
CA PRO A 535 -8.31 7.18 21.28
C PRO A 535 -7.43 7.98 22.22
N TYR A 536 -8.02 9.07 22.72
CA TYR A 536 -7.36 9.95 23.68
C TYR A 536 -8.43 10.83 24.30
N THR A 537 -8.48 10.86 25.64
CA THR A 537 -9.52 11.59 26.33
C THR A 537 -9.00 12.13 27.66
N ARG A 538 -9.30 13.40 27.92
CA ARG A 538 -9.08 14.02 29.22
C ARG A 538 -10.33 14.80 29.60
N ASP A 539 -10.69 14.75 30.88
CA ASP A 539 -11.89 15.44 31.34
C ASP A 539 -11.76 15.69 32.84
N VAL A 540 -12.60 16.62 33.33
CA VAL A 540 -12.63 16.93 34.74
C VAL A 540 -13.18 15.73 35.51
N ALA A 541 -12.72 15.56 36.74
CA ALA A 541 -13.09 14.39 37.52
C ALA A 541 -14.15 14.75 38.55
N ILE A 542 -15.27 14.02 38.51
CA ILE A 542 -16.29 14.07 39.55
C ILE A 542 -16.65 12.65 39.93
N SER A 543 -16.69 12.37 41.23
CA SER A 543 -16.97 11.03 41.76
C SER A 543 -15.93 10.08 41.15
N THR A 544 -16.33 8.95 40.58
CA THR A 544 -15.38 8.02 39.98
C THR A 544 -14.85 8.47 38.63
N ALA A 545 -15.54 9.41 37.97
CA ALA A 545 -15.10 9.94 36.69
C ALA A 545 -14.74 8.83 35.70
N PRO A 546 -15.67 7.94 35.36
CA PRO A 546 -15.36 6.92 34.35
C PRO A 546 -15.02 7.55 33.01
N GLN A 547 -14.15 6.87 32.26
CA GLN A 547 -13.75 7.33 30.93
C GLN A 547 -13.85 6.16 29.96
N ASN A 548 -14.42 6.42 28.79
CA ASN A 548 -14.60 5.41 27.75
C ASN A 548 -14.05 5.94 26.42
N GLY A 549 -13.48 5.04 25.64
CA GLY A 549 -12.95 5.40 24.33
C GLY A 549 -12.92 4.20 23.41
N THR A 550 -12.94 4.50 22.11
CA THR A 550 -12.92 3.46 21.09
C THR A 550 -12.10 3.95 19.91
N SER A 551 -11.31 3.04 19.33
CA SER A 551 -10.47 3.39 18.19
C SER A 551 -11.19 3.09 16.88
N GLY A 552 -10.70 3.73 15.82
CA GLY A 552 -11.13 3.38 14.48
C GLY A 552 -10.36 2.20 13.95
N VAL A 553 -10.74 1.78 12.74
CA VAL A 553 -10.05 0.67 12.09
C VAL A 553 -8.67 1.14 11.65
N ILE A 554 -7.64 0.45 12.12
CA ILE A 554 -6.26 0.84 11.85
C ILE A 554 -5.46 -0.38 11.38
N PRO A 555 -4.46 -0.20 10.54
CA PRO A 555 -3.63 -1.33 10.11
C PRO A 555 -2.65 -1.76 11.19
N VAL A 556 -2.28 -3.04 11.14
CA VAL A 556 -1.32 -3.62 12.07
C VAL A 556 -0.59 -4.76 11.37
N LYS A 557 0.49 -5.22 11.99
CA LYS A 557 1.26 -6.36 11.51
C LYS A 557 1.65 -7.23 12.69
N GLU A 558 2.04 -8.47 12.39
CA GLU A 558 2.40 -9.42 13.43
C GLU A 558 3.48 -8.85 14.33
N GLY A 559 3.29 -9.00 15.64
CA GLY A 559 4.22 -8.46 16.62
C GLY A 559 3.82 -7.12 17.21
N ASP A 560 2.91 -6.39 16.57
CA ASP A 560 2.46 -5.13 17.13
C ASP A 560 1.65 -5.36 18.39
N TYR A 561 1.79 -4.45 19.36
CA TYR A 561 1.07 -4.55 20.62
C TYR A 561 0.52 -3.19 20.99
N PHE A 562 -0.54 -3.21 21.80
CA PHE A 562 -1.20 -2.01 22.29
C PHE A 562 -1.21 -2.02 23.80
N GLU A 563 -0.95 -0.85 24.41
CA GLU A 563 -0.89 -0.71 25.85
C GLU A 563 -1.88 0.35 26.31
N PHE A 564 -2.56 0.08 27.42
CA PHE A 564 -3.51 1.02 27.99
C PHE A 564 -2.78 1.92 28.98
N GLU A 565 -2.73 3.21 28.67
CA GLU A 565 -2.00 4.19 29.48
C GLU A 565 -2.98 5.05 30.25
N ALA A 566 -2.67 5.31 31.52
CA ALA A 566 -3.53 6.10 32.39
C ALA A 566 -2.72 7.22 33.03
N PHE A 567 -3.40 8.33 33.33
CA PHE A 567 -2.78 9.48 33.95
C PHE A 567 -3.82 10.22 34.78
N GLN A 568 -3.39 10.67 35.96
CA GLN A 568 -4.28 11.40 36.86
C GLN A 568 -3.52 12.56 37.47
N ASP A 569 -4.26 13.61 37.84
CA ASP A 569 -3.66 14.83 38.37
C ASP A 569 -4.31 15.23 39.70
N SER A 570 -4.76 14.24 40.47
CA SER A 570 -5.36 14.51 41.77
C SER A 570 -4.31 14.36 42.87
N GLU A 571 -4.59 14.98 44.02
CA GLU A 571 -3.68 14.88 45.15
C GLU A 571 -3.59 13.45 45.63
N GLY A 572 -2.37 12.98 45.86
CA GLY A 572 -2.17 11.61 46.31
C GLY A 572 -2.36 10.62 45.18
N ASP A 573 -2.30 9.34 45.56
CA ASP A 573 -2.48 8.27 44.59
C ASP A 573 -3.96 8.02 44.31
N ARG A 574 -4.23 7.39 43.17
CA ARG A 574 -5.58 7.04 42.77
C ARG A 574 -5.66 5.55 42.47
N GLN A 575 -6.83 4.98 42.68
CA GLN A 575 -7.04 3.54 42.52
C GLN A 575 -7.68 3.27 41.17
N PHE A 576 -7.00 2.46 40.35
CA PHE A 576 -7.54 1.99 39.08
C PHE A 576 -8.37 0.76 39.39
N ARG A 577 -9.64 0.99 39.73
CA ARG A 577 -10.48 -0.05 40.28
C ARG A 577 -10.67 -1.20 39.30
N ALA A 578 -10.67 -2.43 39.84
CA ALA A 578 -11.00 -3.62 39.06
C ALA A 578 -12.51 -3.80 39.12
N ASP A 579 -13.21 -3.31 38.09
CA ASP A 579 -14.65 -3.29 38.07
C ASP A 579 -15.13 -3.73 36.70
N PRO A 580 -16.31 -4.33 36.60
CA PRO A 580 -16.83 -4.69 35.27
C PRO A 580 -16.81 -3.56 34.27
N TYR A 581 -16.80 -2.31 34.74
CA TYR A 581 -16.67 -1.15 33.87
C TYR A 581 -15.22 -0.74 33.64
N THR A 582 -14.28 -1.64 33.89
CA THR A 582 -12.86 -1.40 33.64
C THR A 582 -12.34 -2.58 32.82
N TRP A 583 -12.13 -2.36 31.52
CA TRP A 583 -11.79 -3.44 30.62
C TRP A 583 -10.95 -2.90 29.48
N PHE A 584 -10.23 -3.80 28.82
CA PHE A 584 -9.42 -3.48 27.66
C PHE A 584 -9.67 -4.52 26.59
N SER A 585 -10.07 -4.08 25.40
CA SER A 585 -10.50 -4.99 24.35
C SER A 585 -9.83 -4.63 23.04
N ILE A 586 -9.60 -5.67 22.23
CA ILE A 586 -9.06 -5.51 20.87
C ILE A 586 -9.85 -6.45 19.97
N GLU A 587 -10.20 -5.96 18.77
CA GLU A 587 -11.00 -6.72 17.83
C GLU A 587 -10.28 -6.77 16.49
N ALA A 588 -10.46 -7.88 15.77
CA ALA A 588 -9.85 -8.06 14.45
C ALA A 588 -10.89 -7.75 13.38
N ILE A 589 -10.55 -6.82 12.49
CA ILE A 589 -11.48 -6.40 11.45
C ILE A 589 -11.14 -7.05 10.11
N GLU A 590 -9.86 -7.08 9.75
CA GLU A 590 -9.41 -7.63 8.48
C GLU A 590 -8.41 -8.75 8.72
N LEU A 591 -8.50 -9.81 7.92
CA LEU A 591 -7.63 -10.96 8.04
C LEU A 591 -6.81 -11.13 6.77
N GLU A 592 -5.62 -11.71 6.92
CA GLU A 592 -4.73 -11.90 5.78
C GLU A 592 -5.36 -12.88 4.79
N THR A 593 -5.19 -12.58 3.50
CA THR A 593 -5.70 -13.43 2.44
C THR A 593 -4.75 -13.35 1.24
N GLU A 594 -4.89 -14.31 0.33
CA GLU A 594 -4.04 -14.33 -0.86
C GLU A 594 -4.19 -13.03 -1.62
N THR A 595 -3.05 -12.41 -1.95
CA THR A 595 -3.04 -11.10 -2.61
C THR A 595 -2.63 -11.17 -4.07
N MET A 596 -2.38 -12.36 -4.61
CA MET A 596 -1.92 -12.56 -5.98
C MET A 596 -0.50 -12.04 -6.20
N GLU A 597 0.18 -11.65 -5.12
CA GLU A 597 1.53 -11.11 -5.24
C GLU A 597 2.54 -12.22 -5.53
N LYS A 598 3.64 -11.83 -6.16
CA LYS A 598 4.73 -12.74 -6.48
C LYS A 598 6.03 -12.20 -5.89
N ASP A 599 6.89 -13.12 -5.47
CA ASP A 599 8.19 -12.73 -4.95
C ASP A 599 9.06 -12.06 -6.00
N PHE A 600 8.97 -12.51 -7.25
CA PHE A 600 9.69 -11.89 -8.36
C PHE A 600 8.70 -11.57 -9.46
N MET A 601 8.83 -10.38 -10.04
CA MET A 601 7.93 -9.88 -11.06
C MET A 601 8.71 -9.53 -12.31
N LEU A 602 8.32 -10.09 -13.45
CA LEU A 602 8.92 -9.78 -14.74
C LEU A 602 7.92 -8.96 -15.54
N ILE A 603 8.34 -7.78 -15.97
CA ILE A 603 7.48 -6.83 -16.66
C ILE A 603 7.84 -6.84 -18.15
N GLY A 604 6.83 -6.87 -19.00
CA GLY A 604 7.03 -6.77 -20.43
C GLY A 604 7.22 -5.34 -20.87
N HIS A 605 8.42 -4.81 -20.65
CA HIS A 605 8.72 -3.40 -20.87
C HIS A 605 8.10 -2.88 -22.16
N ARG A 606 7.18 -1.93 -22.02
CA ARG A 606 6.49 -1.29 -23.15
C ARG A 606 6.11 -2.30 -24.23
N GLY A 607 5.44 -3.37 -23.82
CA GLY A 607 4.91 -4.34 -24.75
C GLY A 607 5.92 -5.32 -25.32
N ALA A 608 7.10 -5.43 -24.70
CA ALA A 608 8.14 -6.33 -25.20
C ALA A 608 8.47 -6.02 -26.65
N THR A 609 8.72 -4.75 -26.95
CA THR A 609 8.96 -4.33 -28.32
C THR A 609 10.24 -4.91 -28.90
N GLY A 610 11.12 -5.48 -28.07
CA GLY A 610 12.34 -6.07 -28.58
C GLY A 610 12.09 -7.17 -29.59
N TYR A 611 10.95 -7.85 -29.49
CA TYR A 611 10.61 -8.94 -30.39
C TYR A 611 9.53 -8.60 -31.40
N THR A 612 8.77 -7.53 -31.18
CA THR A 612 7.67 -7.18 -32.07
C THR A 612 7.37 -5.69 -31.91
N ASP A 613 6.23 -5.28 -32.47
CA ASP A 613 5.84 -3.87 -32.40
C ASP A 613 5.48 -3.48 -30.98
N GLU A 614 5.63 -2.19 -30.67
CA GLU A 614 5.38 -1.70 -29.33
C GLU A 614 3.93 -1.29 -29.15
N HIS A 615 3.42 -1.48 -27.93
CA HIS A 615 2.11 -1.01 -27.53
C HIS A 615 1.03 -1.41 -28.52
N THR A 616 0.83 -2.72 -28.65
CA THR A 616 -0.26 -3.26 -29.44
C THR A 616 -0.72 -4.57 -28.81
N ILE A 617 -1.97 -4.95 -29.12
CA ILE A 617 -2.55 -6.14 -28.50
C ILE A 617 -1.72 -7.37 -28.84
N LYS A 618 -1.28 -7.47 -30.09
CA LYS A 618 -0.45 -8.61 -30.47
C LYS A 618 0.85 -8.64 -29.67
N GLY A 619 1.47 -7.48 -29.46
CA GLY A 619 2.69 -7.44 -28.67
C GLY A 619 2.47 -7.84 -27.24
N TYR A 620 1.37 -7.36 -26.64
CA TYR A 620 1.06 -7.75 -25.27
C TYR A 620 0.81 -9.25 -25.15
N GLN A 621 0.08 -9.82 -26.12
CA GLN A 621 -0.17 -11.26 -26.09
C GLN A 621 1.12 -12.05 -26.25
N MET A 622 2.01 -11.59 -27.14
CA MET A 622 3.30 -12.26 -27.30
C MET A 622 4.12 -12.19 -26.02
N ALA A 623 4.12 -11.02 -25.37
CA ALA A 623 4.85 -10.89 -24.11
C ALA A 623 4.30 -11.83 -23.05
N LEU A 624 2.97 -11.91 -22.96
CA LEU A 624 2.35 -12.84 -22.01
C LEU A 624 2.73 -14.28 -22.31
N ASP A 625 2.73 -14.65 -23.60
CA ASP A 625 3.11 -16.01 -23.97
C ASP A 625 4.56 -16.29 -23.61
N LYS A 626 5.46 -15.32 -23.82
CA LYS A 626 6.87 -15.51 -23.49
C LYS A 626 7.11 -15.59 -21.99
N GLY A 627 6.14 -15.25 -21.17
CA GLY A 627 6.27 -15.34 -19.73
C GLY A 627 6.22 -14.02 -18.96
N ALA A 628 5.64 -12.97 -19.54
CA ALA A 628 5.58 -11.69 -18.86
C ALA A 628 4.55 -11.73 -17.74
N ASP A 629 4.99 -11.35 -16.53
CA ASP A 629 4.08 -11.28 -15.41
C ASP A 629 3.19 -10.04 -15.45
N TYR A 630 3.72 -8.92 -15.94
CA TYR A 630 2.98 -7.68 -16.04
C TYR A 630 3.27 -7.01 -17.37
N ILE A 631 2.23 -6.44 -17.97
CA ILE A 631 2.38 -5.65 -19.19
C ILE A 631 2.41 -4.18 -18.83
N GLU A 632 3.26 -3.42 -19.51
CA GLU A 632 3.44 -2.00 -19.26
C GLU A 632 2.65 -1.19 -20.26
N LEU A 633 1.90 -0.22 -19.77
CA LEU A 633 1.05 0.64 -20.60
C LEU A 633 1.45 2.09 -20.42
N ASP A 634 1.63 2.79 -21.53
CA ASP A 634 1.87 4.23 -21.55
C ASP A 634 0.67 4.91 -22.19
N LEU A 635 0.12 5.91 -21.50
CA LEU A 635 -1.16 6.50 -21.88
C LEU A 635 -1.02 8.01 -22.01
N GLN A 636 -1.74 8.56 -22.99
CA GLN A 636 -1.85 10.00 -23.17
C GLN A 636 -3.27 10.34 -23.58
N LEU A 637 -3.70 11.55 -23.23
CA LEU A 637 -5.04 11.99 -23.60
C LEU A 637 -5.07 12.48 -25.03
N THR A 638 -6.12 12.07 -25.77
CA THR A 638 -6.34 12.57 -27.11
C THR A 638 -7.04 13.93 -27.02
N LYS A 639 -7.48 14.46 -28.17
CA LYS A 639 -8.26 15.69 -28.13
C LYS A 639 -9.52 15.52 -27.28
N ASP A 640 -10.11 14.33 -27.31
CA ASP A 640 -11.17 13.98 -26.40
C ASP A 640 -10.59 13.47 -25.08
N ASN A 641 -11.47 13.23 -24.11
CA ASN A 641 -11.05 12.73 -22.81
C ASN A 641 -10.57 11.28 -22.84
N LYS A 642 -10.75 10.59 -23.96
CA LYS A 642 -10.37 9.18 -24.03
C LYS A 642 -8.86 9.02 -23.95
N LEU A 643 -8.42 7.81 -23.61
CA LEU A 643 -7.02 7.49 -23.41
C LEU A 643 -6.50 6.65 -24.57
N LEU A 644 -5.31 6.99 -25.05
CA LEU A 644 -4.65 6.26 -26.13
C LEU A 644 -3.35 5.66 -25.60
N CYS A 645 -3.06 4.42 -26.01
CA CYS A 645 -1.89 3.69 -25.53
C CYS A 645 -0.71 4.00 -26.44
N MET A 646 0.14 4.92 -25.99
CA MET A 646 1.35 5.28 -26.73
C MET A 646 2.39 5.77 -25.74
N HIS A 647 3.65 5.79 -26.18
CA HIS A 647 4.74 6.23 -25.32
C HIS A 647 5.10 7.69 -25.60
N ASP A 648 5.43 8.01 -26.84
CA ASP A 648 5.84 9.36 -27.19
C ASP A 648 4.63 10.28 -27.29
N SER A 649 4.84 11.56 -26.97
CA SER A 649 3.77 12.54 -27.08
C SER A 649 3.34 12.72 -28.54
N THR A 650 4.27 12.61 -29.47
CA THR A 650 3.99 12.71 -30.90
C THR A 650 3.92 11.31 -31.48
N ILE A 651 2.91 11.08 -32.33
CA ILE A 651 2.65 9.73 -32.85
C ILE A 651 3.48 9.39 -34.06
N ASP A 652 4.26 10.34 -34.60
CA ASP A 652 5.04 10.07 -35.81
C ASP A 652 6.08 8.99 -35.60
N ARG A 653 6.72 8.94 -34.42
CA ARG A 653 7.77 7.94 -34.20
C ARG A 653 7.23 6.52 -34.26
N THR A 654 6.04 6.29 -33.68
CA THR A 654 5.51 4.94 -33.56
C THR A 654 4.45 4.60 -34.60
N THR A 655 3.81 5.60 -35.20
CA THR A 655 2.70 5.37 -36.12
C THR A 655 2.91 6.16 -37.40
N THR A 656 2.17 5.77 -38.43
CA THR A 656 2.25 6.44 -39.73
C THR A 656 1.75 7.87 -39.68
N GLY A 657 0.99 8.23 -38.66
CA GLY A 657 0.48 9.59 -38.52
C GLY A 657 1.56 10.54 -38.02
N THR A 658 1.11 11.71 -37.59
CA THR A 658 2.02 12.73 -37.08
C THR A 658 1.24 13.69 -36.20
N GLY A 659 1.98 14.47 -35.43
CA GLY A 659 1.40 15.46 -34.54
C GLY A 659 1.17 14.92 -33.14
N LYS A 660 0.81 15.83 -32.24
CA LYS A 660 0.53 15.46 -30.86
C LYS A 660 -0.72 14.60 -30.78
N VAL A 661 -0.78 13.73 -29.77
CA VAL A 661 -1.94 12.88 -29.58
C VAL A 661 -3.18 13.70 -29.30
N GLY A 662 -3.02 14.81 -28.59
CA GLY A 662 -4.16 15.65 -28.24
C GLY A 662 -4.64 16.55 -29.36
N ASP A 663 -3.97 16.55 -30.52
CA ASP A 663 -4.36 17.41 -31.62
C ASP A 663 -5.69 16.99 -32.24
N MET A 664 -5.99 15.69 -32.24
CA MET A 664 -7.18 15.19 -32.92
C MET A 664 -7.88 14.17 -32.04
N THR A 665 -9.09 13.80 -32.44
CA THR A 665 -9.92 12.91 -31.67
C THR A 665 -9.40 11.46 -31.74
N LEU A 666 -9.88 10.65 -30.80
CA LEU A 666 -9.46 9.25 -30.75
C LEU A 666 -9.88 8.50 -32.00
N SER A 667 -11.10 8.73 -32.48
CA SER A 667 -11.61 7.97 -33.62
C SER A 667 -10.75 8.19 -34.86
N TYR A 668 -10.42 9.44 -35.17
CA TYR A 668 -9.62 9.73 -36.35
C TYR A 668 -8.24 9.10 -36.23
N ILE A 669 -7.62 9.19 -35.05
CA ILE A 669 -6.30 8.63 -34.85
C ILE A 669 -6.32 7.13 -35.03
N GLN A 670 -7.34 6.47 -34.47
CA GLN A 670 -7.40 5.02 -34.53
C GLN A 670 -7.83 4.50 -35.88
N THR A 671 -8.50 5.31 -36.70
CA THR A 671 -8.99 4.88 -38.00
C THR A 671 -8.02 5.21 -39.14
N ASN A 672 -7.59 6.47 -39.23
CA ASN A 672 -6.76 6.92 -40.34
C ASN A 672 -5.29 6.56 -40.18
N PHE A 673 -4.86 6.10 -39.01
CA PHE A 673 -3.46 5.83 -38.74
C PHE A 673 -3.30 4.42 -38.19
N THR A 674 -2.10 3.86 -38.41
CA THR A 674 -1.73 2.56 -37.90
C THR A 674 -0.23 2.56 -37.62
N SER A 675 0.21 1.57 -36.83
CA SER A 675 1.61 1.48 -36.49
C SER A 675 2.46 1.24 -37.74
N LEU A 676 3.77 1.41 -37.57
CA LEU A 676 4.68 1.19 -38.70
C LEU A 676 4.61 -0.25 -39.21
N ASN A 677 4.19 -1.19 -38.37
CA ASN A 677 3.98 -2.57 -38.79
C ASN A 677 2.56 -2.83 -39.27
N GLY A 678 1.72 -1.80 -39.33
CA GLY A 678 0.35 -1.96 -39.78
C GLY A 678 -0.61 -2.45 -38.73
N GLU A 679 -0.17 -2.60 -37.48
CA GLU A 679 -1.05 -3.06 -36.42
C GLU A 679 -1.96 -1.93 -35.95
N PRO A 680 -3.12 -2.26 -35.38
CA PRO A 680 -4.00 -1.21 -34.85
C PRO A 680 -3.36 -0.48 -33.69
N ILE A 681 -3.81 0.75 -33.47
CA ILE A 681 -3.40 1.56 -32.33
C ILE A 681 -4.48 1.40 -31.26
N PRO A 682 -4.33 0.49 -30.30
CA PRO A 682 -5.41 0.23 -29.36
C PRO A 682 -5.54 1.31 -28.30
N SER A 683 -6.79 1.60 -27.93
CA SER A 683 -7.04 2.45 -26.78
C SER A 683 -7.07 1.62 -25.50
N LEU A 684 -7.10 2.32 -24.36
CA LEU A 684 -7.11 1.62 -23.08
C LEU A 684 -8.33 0.71 -22.96
N ASP A 685 -9.50 1.21 -23.38
CA ASP A 685 -10.71 0.40 -23.30
C ASP A 685 -10.58 -0.87 -24.14
N ASP A 686 -10.00 -0.75 -25.33
CA ASP A 686 -9.84 -1.93 -26.18
C ASP A 686 -8.95 -2.97 -25.50
N VAL A 687 -7.83 -2.55 -24.92
CA VAL A 687 -6.94 -3.48 -24.25
C VAL A 687 -7.63 -4.14 -23.06
N LEU A 688 -8.35 -3.34 -22.26
CA LEU A 688 -9.04 -3.90 -21.11
C LEU A 688 -10.10 -4.91 -21.53
N ASN A 689 -10.84 -4.62 -22.61
CA ASN A 689 -11.83 -5.57 -23.10
C ASN A 689 -11.17 -6.84 -23.61
N HIS A 690 -10.06 -6.70 -24.34
CA HIS A 690 -9.39 -7.87 -24.91
C HIS A 690 -8.85 -8.78 -23.81
N PHE A 691 -8.21 -8.20 -22.80
CA PHE A 691 -7.58 -8.99 -21.75
C PHE A 691 -8.42 -9.11 -20.49
N GLY A 692 -9.17 -8.06 -20.14
CA GLY A 692 -10.00 -8.12 -18.95
C GLY A 692 -9.17 -8.37 -17.70
N THR A 693 -9.66 -9.28 -16.86
CA THR A 693 -9.00 -9.62 -15.61
C THR A 693 -7.99 -10.75 -15.76
N LYS A 694 -7.84 -11.31 -16.96
CA LYS A 694 -6.90 -12.41 -17.14
C LYS A 694 -5.45 -11.97 -16.91
N VAL A 695 -5.16 -10.69 -17.08
CA VAL A 695 -3.80 -10.18 -17.05
C VAL A 695 -3.68 -9.10 -15.99
N LYS A 696 -2.47 -8.97 -15.44
CA LYS A 696 -2.14 -7.93 -14.48
C LYS A 696 -1.42 -6.81 -15.22
N TYR A 697 -1.83 -5.57 -14.95
CA TYR A 697 -1.40 -4.41 -15.73
C TYR A 697 -0.43 -3.55 -14.96
N TYR A 698 0.58 -3.05 -15.66
CA TYR A 698 1.50 -2.04 -15.16
C TYR A 698 1.27 -0.77 -15.96
N ILE A 699 1.01 0.34 -15.26
CA ILE A 699 0.57 1.58 -15.90
C ILE A 699 1.48 2.71 -15.43
N GLU A 700 1.88 3.57 -16.37
CA GLU A 700 2.70 4.73 -16.08
C GLU A 700 1.92 5.99 -16.42
N THR A 701 2.06 7.02 -15.59
CA THR A 701 1.40 8.30 -15.81
C THR A 701 2.41 9.34 -16.30
N LYS A 702 1.87 10.46 -16.78
CA LYS A 702 2.72 11.52 -17.30
C LYS A 702 3.59 12.11 -16.20
N ARG A 703 4.84 12.39 -16.53
CA ARG A 703 5.74 13.10 -15.62
C ARG A 703 5.16 14.47 -15.30
N PRO A 704 4.68 15.23 -16.30
CA PRO A 704 3.95 16.46 -15.98
C PRO A 704 2.57 16.16 -15.40
N PHE A 705 2.42 16.42 -14.10
CA PHE A 705 1.19 16.02 -13.41
C PHE A 705 -0.02 16.76 -13.97
N ASP A 706 -1.12 16.02 -14.11
CA ASP A 706 -2.39 16.58 -14.56
C ASP A 706 -3.51 15.74 -13.98
N ALA A 707 -4.35 16.34 -13.14
CA ALA A 707 -5.38 15.59 -12.43
C ALA A 707 -6.38 14.94 -13.38
N ASN A 708 -6.63 15.53 -14.54
CA ASN A 708 -7.60 14.96 -15.47
C ASN A 708 -7.15 13.57 -15.94
N MET A 709 -5.85 13.42 -16.23
CA MET A 709 -5.34 12.13 -16.67
C MET A 709 -5.60 11.05 -15.62
N ASP A 710 -5.23 11.34 -14.37
CA ASP A 710 -5.42 10.36 -13.31
C ASP A 710 -6.90 10.07 -13.09
N ARG A 711 -7.74 11.10 -13.14
CA ARG A 711 -9.18 10.89 -12.94
C ARG A 711 -9.74 9.98 -14.02
N GLU A 712 -9.40 10.24 -15.29
CA GLU A 712 -9.89 9.39 -16.37
C GLU A 712 -9.37 7.97 -16.24
N LEU A 713 -8.09 7.81 -15.90
CA LEU A 713 -7.53 6.46 -15.74
C LEU A 713 -8.25 5.70 -14.64
N LEU A 714 -8.48 6.36 -13.49
CA LEU A 714 -9.15 5.71 -12.39
C LEU A 714 -10.58 5.34 -12.75
N THR A 715 -11.29 6.24 -13.43
CA THR A 715 -12.66 5.93 -13.84
C THR A 715 -12.68 4.73 -14.79
N GLN A 716 -11.79 4.69 -15.77
CA GLN A 716 -11.74 3.57 -16.70
C GLN A 716 -11.42 2.27 -15.98
N LEU A 717 -10.46 2.31 -15.05
CA LEU A 717 -10.08 1.10 -14.33
C LEU A 717 -11.23 0.60 -13.46
N LYS A 718 -11.92 1.51 -12.76
CA LYS A 718 -13.02 1.11 -11.90
C LYS A 718 -14.18 0.56 -12.73
N ALA A 719 -14.41 1.13 -13.91
CA ALA A 719 -15.51 0.66 -14.74
C ALA A 719 -15.37 -0.83 -15.06
N LYS A 720 -14.14 -1.32 -15.17
CA LYS A 720 -13.88 -2.73 -15.45
C LYS A 720 -13.69 -3.55 -14.17
N GLY A 721 -13.75 -2.92 -13.00
CA GLY A 721 -13.59 -3.66 -11.76
C GLY A 721 -12.16 -4.01 -11.42
N LEU A 722 -11.19 -3.46 -12.15
CA LEU A 722 -9.79 -3.75 -11.87
C LEU A 722 -9.29 -3.07 -10.60
N ILE A 723 -10.00 -2.06 -10.10
CA ILE A 723 -9.66 -1.39 -8.86
C ILE A 723 -10.94 -1.16 -8.07
N GLY A 724 -10.77 -0.92 -6.77
CA GLY A 724 -11.91 -0.63 -5.92
C GLY A 724 -12.27 -1.77 -4.98
N ILE A 725 -13.55 -1.79 -4.61
CA ILE A 725 -14.03 -2.76 -3.61
C ILE A 725 -13.87 -4.19 -4.11
N GLY A 726 -14.32 -4.44 -5.34
CA GLY A 726 -14.33 -5.79 -5.88
C GLY A 726 -13.08 -6.22 -6.61
N SER A 727 -12.02 -5.42 -6.57
CA SER A 727 -10.81 -5.72 -7.30
C SER A 727 -9.81 -6.48 -6.44
N GLU A 728 -8.80 -7.04 -7.10
CA GLU A 728 -7.68 -7.69 -6.43
C GLU A 728 -6.57 -6.66 -6.25
N ARG A 729 -5.89 -6.72 -5.10
CA ARG A 729 -4.93 -5.67 -4.74
C ARG A 729 -3.81 -5.54 -5.76
N PHE A 730 -3.18 -6.66 -6.13
CA PHE A 730 -1.98 -6.63 -6.96
C PHE A 730 -2.26 -6.88 -8.43
N GLN A 731 -3.53 -6.92 -8.85
CA GLN A 731 -3.81 -7.10 -10.27
C GLN A 731 -3.45 -5.88 -11.09
N VAL A 732 -3.28 -4.72 -10.46
CA VAL A 732 -2.91 -3.49 -11.16
C VAL A 732 -1.82 -2.79 -10.35
N ILE A 733 -0.79 -2.31 -11.05
CA ILE A 733 0.30 -1.56 -10.45
C ILE A 733 0.49 -0.29 -11.26
N ILE A 734 0.68 0.83 -10.57
CA ILE A 734 0.82 2.14 -11.19
C ILE A 734 2.16 2.73 -10.80
N GLN A 735 2.90 3.22 -11.80
CA GLN A 735 4.19 3.86 -11.59
C GLN A 735 4.14 5.27 -12.16
N SER A 736 5.06 6.12 -11.71
CA SER A 736 5.11 7.50 -12.18
C SER A 736 6.36 8.18 -11.66
N PHE A 737 6.96 9.01 -12.53
CA PHE A 737 8.03 9.89 -12.09
C PHE A 737 7.52 11.04 -11.22
N ALA A 738 6.24 11.39 -11.35
CA ALA A 738 5.65 12.49 -10.60
C ALA A 738 5.11 11.96 -9.27
N ARG A 739 5.70 12.42 -8.17
CA ARG A 739 5.24 12.00 -6.85
C ARG A 739 3.83 12.52 -6.58
N GLU A 740 3.51 13.70 -7.11
CA GLU A 740 2.18 14.27 -6.88
C GLU A 740 1.09 13.38 -7.45
N SER A 741 1.32 12.80 -8.64
CA SER A 741 0.34 11.89 -9.22
C SER A 741 0.14 10.66 -8.34
N LEU A 742 1.23 10.11 -7.80
CA LEU A 742 1.12 8.96 -6.91
C LEU A 742 0.33 9.31 -5.67
N ILE A 743 0.59 10.50 -5.10
CA ILE A 743 -0.15 10.92 -3.91
C ILE A 743 -1.63 11.08 -4.23
N ASN A 744 -1.94 11.68 -5.38
CA ASN A 744 -3.33 11.85 -5.77
C ASN A 744 -4.03 10.50 -5.94
N ILE A 745 -3.37 9.54 -6.57
CA ILE A 745 -3.96 8.22 -6.73
C ILE A 745 -4.15 7.54 -5.38
N HIS A 746 -3.16 7.66 -4.49
CA HIS A 746 -3.26 7.03 -3.18
C HIS A 746 -4.41 7.62 -2.37
N ASN A 747 -4.61 8.94 -2.44
CA ASN A 747 -5.68 9.56 -1.69
C ASN A 747 -7.06 9.04 -2.11
N GLN A 748 -7.19 8.53 -3.33
CA GLN A 748 -8.45 7.99 -3.82
C GLN A 748 -8.55 6.48 -3.71
N PHE A 749 -7.48 5.75 -4.02
CA PHE A 749 -7.45 4.29 -3.95
C PHE A 749 -6.16 3.87 -3.23
N SER A 750 -6.26 3.71 -1.90
CA SER A 750 -5.09 3.37 -1.11
C SER A 750 -4.64 1.92 -1.31
N ASN A 751 -5.52 1.04 -1.76
CA ASN A 751 -5.15 -0.36 -1.95
C ASN A 751 -4.30 -0.59 -3.20
N ILE A 752 -4.28 0.37 -4.13
CA ILE A 752 -3.49 0.19 -5.34
C ILE A 752 -2.01 0.31 -5.00
N PRO A 753 -1.18 -0.70 -5.26
CA PRO A 753 0.26 -0.54 -5.04
C PRO A 753 0.83 0.51 -5.99
N LEU A 754 1.80 1.27 -5.48
CA LEU A 754 2.41 2.35 -6.24
C LEU A 754 3.92 2.17 -6.29
N ALA A 755 4.50 2.54 -7.43
CA ALA A 755 5.95 2.47 -7.64
C ALA A 755 6.45 3.85 -8.05
N TYR A 756 7.63 4.21 -7.56
CA TYR A 756 8.23 5.51 -7.84
C TYR A 756 9.43 5.31 -8.77
N LEU A 757 9.41 5.99 -9.91
CA LEU A 757 10.50 5.91 -10.87
C LEU A 757 11.52 7.00 -10.59
N THR A 758 12.79 6.62 -10.54
CA THR A 758 13.85 7.56 -10.24
C THR A 758 15.15 7.07 -10.88
N SER A 759 16.09 8.01 -11.05
CA SER A 759 17.42 7.71 -11.57
C SER A 759 18.51 8.13 -10.59
N THR A 760 18.17 8.38 -9.33
CA THR A 760 19.10 8.85 -8.31
C THR A 760 18.95 8.01 -7.05
N PHE A 761 18.95 6.67 -7.23
CA PHE A 761 18.75 5.75 -6.12
C PHE A 761 19.63 6.15 -4.94
N SER A 762 18.98 6.46 -3.81
CA SER A 762 19.69 6.89 -2.62
C SER A 762 18.80 6.66 -1.41
N GLU A 763 19.41 6.73 -0.23
CA GLU A 763 18.66 6.53 1.01
C GLU A 763 17.58 7.60 1.18
N SER A 764 17.83 8.82 0.71
CA SER A 764 16.82 9.87 0.83
C SER A 764 15.56 9.50 0.07
N GLU A 765 15.72 9.00 -1.16
CA GLU A 765 14.56 8.61 -1.95
C GLU A 765 13.80 7.46 -1.30
N MET A 766 14.53 6.47 -0.78
CA MET A 766 13.87 5.36 -0.09
C MET A 766 13.09 5.83 1.13
N ASP A 767 13.69 6.72 1.92
CA ASP A 767 12.99 7.26 3.08
C ASP A 767 11.74 8.03 2.66
N ASP A 768 11.85 8.85 1.61
CA ASP A 768 10.70 9.60 1.14
C ASP A 768 9.58 8.66 0.68
N CYS A 769 9.93 7.63 -0.08
CA CYS A 769 8.93 6.67 -0.53
C CYS A 769 8.29 5.94 0.65
N LEU A 770 9.09 5.56 1.65
CA LEU A 770 8.53 4.91 2.83
C LEU A 770 7.57 5.84 3.57
N SER A 771 7.90 7.12 3.64
CA SER A 771 7.04 8.07 4.33
C SER A 771 5.66 8.13 3.69
N TYR A 772 5.60 8.16 2.36
CA TYR A 772 4.33 8.23 1.66
C TYR A 772 3.70 6.86 1.44
N GLY A 773 4.37 5.78 1.85
CA GLY A 773 3.78 4.46 1.77
C GLY A 773 3.75 3.84 0.39
N PHE A 774 4.72 4.18 -0.47
CA PHE A 774 4.79 3.55 -1.77
C PHE A 774 5.20 2.09 -1.64
N TYR A 775 4.67 1.26 -2.55
CA TYR A 775 4.94 -0.17 -2.48
C TYR A 775 6.36 -0.51 -2.92
N ALA A 776 6.88 0.19 -3.92
CA ALA A 776 8.18 -0.15 -4.50
C ALA A 776 8.85 1.10 -5.05
N ILE A 777 10.15 0.99 -5.27
CA ILE A 777 10.96 2.04 -5.88
C ILE A 777 11.64 1.45 -7.10
N ALA A 778 11.61 2.18 -8.21
CA ALA A 778 12.12 1.70 -9.49
C ALA A 778 13.33 2.53 -9.90
N PRO A 779 14.51 2.22 -9.35
CA PRO A 779 15.73 2.94 -9.74
C PRO A 779 16.33 2.39 -11.03
N LYS A 780 17.13 3.22 -11.68
CA LYS A 780 17.86 2.78 -12.87
C LYS A 780 18.81 1.65 -12.50
N TYR A 781 18.90 0.65 -13.38
CA TYR A 781 19.67 -0.55 -13.06
C TYR A 781 21.14 -0.21 -12.83
N THR A 782 21.67 0.79 -13.54
CA THR A 782 23.08 1.14 -13.39
C THR A 782 23.40 1.65 -11.99
N THR A 783 22.42 2.17 -11.27
CA THR A 783 22.64 2.74 -9.94
C THR A 783 22.36 1.75 -8.81
N ILE A 784 22.04 0.50 -9.11
CA ILE A 784 21.66 -0.46 -8.10
C ILE A 784 22.88 -1.20 -7.59
N THR A 785 22.94 -1.41 -6.28
CA THR A 785 23.97 -2.20 -5.64
C THR A 785 23.34 -3.04 -4.54
N LYS A 786 24.00 -4.15 -4.20
CA LYS A 786 23.44 -5.05 -3.20
C LYS A 786 23.24 -4.34 -1.86
N GLU A 787 24.11 -3.38 -1.52
CA GLU A 787 23.93 -2.63 -0.28
C GLU A 787 22.61 -1.88 -0.29
N LEU A 788 22.32 -1.18 -1.39
CA LEU A 788 21.06 -0.44 -1.49
C LEU A 788 19.85 -1.37 -1.53
N VAL A 789 19.97 -2.52 -2.20
CA VAL A 789 18.85 -3.46 -2.21
C VAL A 789 18.56 -3.97 -0.81
N ASP A 790 19.62 -4.32 -0.05
CA ASP A 790 19.42 -4.76 1.32
C ASP A 790 18.82 -3.65 2.17
N LEU A 791 19.29 -2.42 1.98
CA LEU A 791 18.72 -1.29 2.73
C LEU A 791 17.24 -1.13 2.42
N ALA A 792 16.86 -1.23 1.15
CA ALA A 792 15.46 -1.11 0.77
C ALA A 792 14.64 -2.24 1.40
N HIS A 793 15.16 -3.47 1.37
CA HIS A 793 14.45 -4.58 1.97
C HIS A 793 14.28 -4.39 3.47
N SER A 794 15.29 -3.84 4.14
CA SER A 794 15.14 -3.54 5.56
C SER A 794 14.03 -2.52 5.80
N LYS A 795 13.95 -1.50 4.96
CA LYS A 795 12.88 -0.51 5.10
C LYS A 795 11.53 -1.07 4.66
N GLY A 796 11.51 -2.18 3.94
CA GLY A 796 10.27 -2.80 3.49
C GLY A 796 9.87 -2.48 2.07
N LEU A 797 10.73 -1.80 1.30
CA LEU A 797 10.38 -1.44 -0.06
C LEU A 797 10.92 -2.47 -1.05
N LYS A 798 10.19 -2.64 -2.14
CA LYS A 798 10.62 -3.50 -3.24
C LYS A 798 11.38 -2.68 -4.28
N VAL A 799 12.39 -3.31 -4.88
CA VAL A 799 13.27 -2.65 -5.84
C VAL A 799 13.07 -3.32 -7.20
N HIS A 800 12.74 -2.50 -8.20
CA HIS A 800 12.57 -2.97 -9.57
C HIS A 800 13.54 -2.21 -10.46
N ALA A 801 14.34 -2.95 -11.25
CA ALA A 801 15.28 -2.36 -12.18
C ALA A 801 14.64 -2.30 -13.56
N TRP A 802 14.71 -1.13 -14.19
CA TRP A 802 14.06 -0.92 -15.48
C TRP A 802 15.09 -0.72 -16.57
N THR A 803 14.74 -1.14 -17.79
CA THR A 803 15.63 -1.09 -18.95
C THR A 803 16.78 -2.08 -18.80
N VAL A 804 16.45 -3.31 -18.40
CA VAL A 804 17.42 -4.40 -18.33
C VAL A 804 17.26 -5.23 -19.61
N ASN A 805 18.31 -5.24 -20.44
CA ASN A 805 18.24 -5.89 -21.75
C ASN A 805 19.43 -6.80 -22.02
N THR A 806 20.21 -7.16 -21.00
CA THR A 806 21.34 -8.07 -21.16
C THR A 806 21.25 -9.16 -20.10
N LYS A 807 21.61 -10.39 -20.50
CA LYS A 807 21.51 -11.51 -19.59
C LYS A 807 22.53 -11.42 -18.46
N GLU A 808 23.72 -10.92 -18.76
CA GLU A 808 24.74 -10.78 -17.71
C GLU A 808 24.30 -9.78 -16.66
N GLU A 809 23.78 -8.62 -17.09
CA GLU A 809 23.30 -7.63 -16.14
C GLU A 809 22.10 -8.17 -15.36
N MET A 810 21.23 -8.92 -16.04
CA MET A 810 20.08 -9.51 -15.36
C MET A 810 20.54 -10.47 -14.26
N GLN A 811 21.53 -11.32 -14.57
CA GLN A 811 22.05 -12.24 -13.57
C GLN A 811 22.70 -11.49 -12.42
N SER A 812 23.44 -10.42 -12.72
CA SER A 812 24.05 -9.63 -11.65
C SER A 812 22.99 -9.04 -10.74
N LEU A 813 21.92 -8.49 -11.33
CA LEU A 813 20.85 -7.91 -10.53
C LEU A 813 20.14 -8.98 -9.70
N ILE A 814 19.93 -10.16 -10.28
CA ILE A 814 19.32 -11.25 -9.52
C ILE A 814 20.20 -11.60 -8.32
N GLN A 815 21.51 -11.66 -8.53
CA GLN A 815 22.43 -11.87 -7.41
C GLN A 815 22.31 -10.75 -6.38
N MET A 816 22.05 -9.52 -6.84
CA MET A 816 21.84 -8.40 -5.92
C MET A 816 20.52 -8.50 -5.18
N GLY A 817 19.61 -9.37 -5.62
CA GLY A 817 18.32 -9.52 -4.97
C GLY A 817 17.23 -8.61 -5.49
N VAL A 818 17.38 -8.06 -6.69
CA VAL A 818 16.35 -7.19 -7.24
C VAL A 818 15.04 -7.96 -7.38
N ASP A 819 13.94 -7.32 -7.01
CA ASP A 819 12.64 -8.00 -6.96
C ASP A 819 11.94 -8.06 -8.30
N GLY A 820 12.35 -7.28 -9.30
CA GLY A 820 11.70 -7.32 -10.59
C GLY A 820 12.49 -6.53 -11.61
N PHE A 821 12.21 -6.83 -12.88
CA PHE A 821 12.89 -6.22 -14.01
C PHE A 821 11.87 -5.79 -15.05
N PHE A 822 12.14 -4.65 -15.70
CA PHE A 822 11.43 -4.24 -16.90
C PHE A 822 12.32 -4.54 -18.09
N THR A 823 12.11 -5.70 -18.71
CA THR A 823 12.99 -6.21 -19.75
C THR A 823 12.32 -6.10 -21.11
N ASN A 824 13.01 -5.48 -22.06
CA ASN A 824 12.52 -5.47 -23.44
C ASN A 824 12.63 -6.86 -24.07
N TYR A 825 13.62 -7.65 -23.66
CA TYR A 825 13.76 -9.04 -24.08
C TYR A 825 13.47 -9.92 -22.89
N LEU A 826 12.52 -10.85 -23.04
CA LEU A 826 11.98 -11.60 -21.92
C LEU A 826 12.62 -12.97 -21.75
N ASP A 827 12.88 -13.68 -22.84
CA ASP A 827 13.38 -15.04 -22.74
C ASP A 827 14.75 -15.13 -22.08
N GLU A 828 15.49 -14.02 -21.98
CA GLU A 828 16.78 -14.06 -21.31
C GLU A 828 16.64 -14.47 -19.86
N TYR A 829 15.51 -14.15 -19.22
CA TYR A 829 15.28 -14.59 -17.85
C TYR A 829 15.28 -16.10 -17.75
N LYS A 830 14.76 -16.80 -18.77
CA LYS A 830 14.79 -18.26 -18.77
C LYS A 830 16.18 -18.81 -19.04
N LYS A 831 17.04 -18.02 -19.69
CA LYS A 831 18.39 -18.45 -20.03
C LYS A 831 19.34 -18.38 -18.84
N ILE A 832 18.92 -17.80 -17.72
CA ILE A 832 19.78 -17.67 -16.55
C ILE A 832 20.21 -19.06 -16.08
#